data_5G3Y
#
_entry.id   5G3Y
#
_cell.length_a   46.917
_cell.length_b   63.341
_cell.length_c   70.457
_cell.angle_alpha   90.00
_cell.angle_beta   90.00
_cell.angle_gamma   90.00
#
_symmetry.space_group_name_H-M   'P 21 21 21'
#
loop_
_entity.id
_entity.type
_entity.pdbx_description
1 polymer 'ADENYLATE KINSE'
2 non-polymer 'ZINC ION'
3 non-polymer "ADENOSINE-5'-DIPHOSPHATE"
4 water water
#
_entity_poly.entity_id   1
_entity_poly.type   'polypeptide(L)'
_entity_poly.pdbx_seq_one_letter_code
;MNLILLGPPGAGKGTQAEKIVEEYGIPHISTGDMFRAAIKEGTELGLKAKEYMDKGELVPDEVTIGLVKERLSQPDCKKG
FLLDGFPRTVAQAEALDKILKELGIKLDAVINIEVPREELLERLTGRRVCRQCGATYHVIFNPPKVEGVCDKCGGELYQR
SDDNEETVSNRLDVYEDQTAPLIDYYEKKGLLKNIDGDQDIDAVFADIKAALGRDKQGGGENLYFQ
;
_entity_poly.pdbx_strand_id   A
#
# COMPACT_ATOMS: atom_id res chain seq x y z
N MET A 1 -4.33 -13.02 11.37
CA MET A 1 -3.20 -12.64 10.49
C MET A 1 -2.96 -11.15 10.54
N ASN A 2 -1.79 -10.77 11.06
CA ASN A 2 -1.30 -9.40 11.10
C ASN A 2 -0.16 -9.30 10.10
N LEU A 3 -0.43 -8.63 8.99
CA LEU A 3 0.41 -8.68 7.78
C LEU A 3 0.79 -7.30 7.31
N ILE A 4 2.02 -7.19 6.81
CA ILE A 4 2.49 -6.02 6.05
C ILE A 4 2.90 -6.48 4.65
N LEU A 5 2.50 -5.71 3.63
CA LEU A 5 3.02 -5.89 2.27
C LEU A 5 4.03 -4.80 2.00
N LEU A 6 5.22 -5.19 1.54
CA LEU A 6 6.28 -4.28 1.14
C LEU A 6 6.52 -4.43 -0.36
N GLY A 7 7.11 -3.41 -0.95
CA GLY A 7 7.56 -3.42 -2.33
C GLY A 7 7.38 -2.05 -2.94
N PRO A 8 8.01 -1.82 -4.10
CA PRO A 8 7.95 -0.51 -4.70
C PRO A 8 6.55 -0.12 -5.16
N PRO A 9 6.32 1.16 -5.36
CA PRO A 9 5.11 1.59 -6.04
C PRO A 9 4.94 0.83 -7.36
N GLY A 10 3.74 0.29 -7.57
CA GLY A 10 3.47 -0.49 -8.76
C GLY A 10 3.74 -1.97 -8.67
N ALA A 11 4.26 -2.43 -7.53
CA ALA A 11 4.61 -3.84 -7.38
C ALA A 11 3.42 -4.76 -7.39
N GLY A 12 2.24 -4.26 -7.09
CA GLY A 12 1.02 -5.05 -7.01
C GLY A 12 0.45 -5.20 -5.62
N LYS A 13 0.90 -4.40 -4.64
CA LYS A 13 0.48 -4.54 -3.26
C LYS A 13 -1.03 -4.36 -3.07
N GLY A 14 -1.58 -3.28 -3.64
CA GLY A 14 -3.02 -3.05 -3.48
C GLY A 14 -3.84 -4.15 -4.12
N THR A 15 -3.40 -4.63 -5.29
CA THR A 15 -4.07 -5.69 -6.00
C THR A 15 -4.08 -6.97 -5.18
N GLN A 16 -2.93 -7.31 -4.64
CA GLN A 16 -2.83 -8.51 -3.81
C GLN A 16 -3.58 -8.32 -2.50
N ALA A 17 -3.52 -7.12 -1.94
CA ALA A 17 -4.24 -6.85 -0.69
C ALA A 17 -5.74 -7.14 -0.83
N GLU A 18 -6.33 -6.79 -1.96
CA GLU A 18 -7.74 -7.04 -2.15
C GLU A 18 -8.04 -8.54 -2.04
N LYS A 19 -7.18 -9.35 -2.64
CA LYS A 19 -7.34 -10.81 -2.60
C LYS A 19 -7.08 -11.39 -1.23
N ILE A 20 -6.08 -10.85 -0.53
CA ILE A 20 -5.72 -11.36 0.77
C ILE A 20 -6.81 -11.04 1.79
N VAL A 21 -7.33 -9.81 1.76
CA VAL A 21 -8.28 -9.45 2.82
C VAL A 21 -9.61 -10.17 2.61
N GLU A 22 -9.94 -10.51 1.36
CA GLU A 22 -11.10 -11.40 1.08
C GLU A 22 -10.84 -12.81 1.62
N GLU A 23 -9.62 -13.33 1.43
CA GLU A 23 -9.26 -14.69 1.89
C GLU A 23 -9.38 -14.76 3.43
N TYR A 24 -8.86 -13.76 4.15
CA TYR A 24 -8.79 -13.78 5.61
C TYR A 24 -9.91 -13.03 6.36
N GLY A 25 -10.63 -12.14 5.69
CA GLY A 25 -11.69 -11.36 6.34
C GLY A 25 -11.13 -10.36 7.34
N ILE A 26 -10.11 -9.62 6.90
CA ILE A 26 -9.42 -8.65 7.73
C ILE A 26 -9.42 -7.30 7.03
N PRO A 27 -9.23 -6.21 7.79
CA PRO A 27 -9.24 -4.93 7.12
C PRO A 27 -7.99 -4.66 6.27
N HIS A 28 -8.18 -3.92 5.20
CA HIS A 28 -7.11 -3.40 4.35
C HIS A 28 -6.82 -1.99 4.78
N ILE A 29 -5.63 -1.77 5.32
CA ILE A 29 -5.21 -0.48 5.84
C ILE A 29 -4.16 0.09 4.88
N SER A 30 -4.56 1.08 4.10
CA SER A 30 -3.69 1.72 3.13
C SER A 30 -3.64 3.20 3.45
N THR A 31 -2.45 3.69 3.74
CA THR A 31 -2.28 5.10 4.04
C THR A 31 -2.58 5.97 2.79
N GLY A 32 -2.18 5.52 1.60
CA GLY A 32 -2.57 6.22 0.38
C GLY A 32 -4.09 6.35 0.25
N ASP A 33 -4.80 5.27 0.55
CA ASP A 33 -6.25 5.33 0.44
C ASP A 33 -6.82 6.29 1.45
N MET A 34 -6.24 6.33 2.66
CA MET A 34 -6.70 7.30 3.65
C MET A 34 -6.48 8.73 3.14
N PHE A 35 -5.31 9.00 2.58
CA PHE A 35 -5.05 10.32 2.06
C PHE A 35 -6.00 10.69 0.90
N ARG A 36 -6.19 9.74 -0.01
CA ARG A 36 -7.11 9.99 -1.12
C ARG A 36 -8.54 10.21 -0.66
N ALA A 37 -8.98 9.49 0.37
CA ALA A 37 -10.31 9.72 0.94
C ALA A 37 -10.39 11.14 1.51
N ALA A 38 -9.36 11.57 2.22
CA ALA A 38 -9.33 12.92 2.77
C ALA A 38 -9.40 13.98 1.67
N ILE A 39 -8.68 13.74 0.56
CA ILE A 39 -8.74 14.64 -0.58
C ILE A 39 -10.15 14.69 -1.16
N LYS A 40 -10.77 13.52 -1.34
CA LYS A 40 -12.10 13.46 -1.90
C LYS A 40 -13.08 14.25 -1.02
N GLU A 41 -12.92 14.14 0.29
CA GLU A 41 -13.75 14.83 1.26
C GLU A 41 -13.44 16.31 1.40
N GLY A 42 -12.36 16.76 0.80
CA GLY A 42 -11.99 18.16 0.86
C GLY A 42 -11.48 18.63 2.21
N THR A 43 -10.95 17.71 3.02
CA THR A 43 -10.50 18.09 4.35
C THR A 43 -9.19 18.85 4.27
N GLU A 44 -8.90 19.61 5.34
CA GLU A 44 -7.63 20.30 5.41
C GLU A 44 -6.49 19.29 5.31
N LEU A 45 -6.60 18.18 6.01
CA LEU A 45 -5.60 17.13 5.98
CA LEU A 45 -5.55 17.18 5.97
C LEU A 45 -5.36 16.66 4.55
N GLY A 46 -6.46 16.36 3.85
CA GLY A 46 -6.32 15.87 2.49
C GLY A 46 -5.64 16.84 1.57
N LEU A 47 -6.07 18.10 1.64
CA LEU A 47 -5.52 19.12 0.77
C LEU A 47 -4.04 19.34 1.02
N LYS A 48 -3.63 19.26 2.31
CA LYS A 48 -2.22 19.42 2.61
C LYS A 48 -1.41 18.18 2.17
N ALA A 49 -1.92 16.99 2.45
CA ALA A 49 -1.25 15.77 2.02
C ALA A 49 -1.05 15.73 0.51
N LYS A 50 -2.05 16.21 -0.24
CA LYS A 50 -1.99 16.22 -1.71
C LYS A 50 -0.77 16.97 -2.21
N GLU A 51 -0.35 18.02 -1.50
CA GLU A 51 0.81 18.78 -1.94
C GLU A 51 2.06 17.88 -2.00
N TYR A 52 2.23 17.00 -1.02
CA TYR A 52 3.34 16.05 -1.04
C TYR A 52 3.12 14.99 -2.10
N MET A 53 1.92 14.42 -2.11
CA MET A 53 1.62 13.30 -3.00
C MET A 53 1.84 13.66 -4.46
N ASP A 54 1.43 14.84 -4.86
CA ASP A 54 1.53 15.22 -6.26
C ASP A 54 2.96 15.51 -6.70
N LYS A 55 3.85 15.78 -5.74
CA LYS A 55 5.27 15.88 -6.03
C LYS A 55 5.98 14.52 -5.95
N GLY A 56 5.27 13.48 -5.54
CA GLY A 56 5.86 12.18 -5.34
C GLY A 56 6.69 12.05 -4.09
N GLU A 57 6.53 12.98 -3.15
CA GLU A 57 7.21 12.98 -1.87
C GLU A 57 6.36 12.26 -0.86
N LEU A 58 7.00 11.71 0.18
CA LEU A 58 6.26 11.14 1.29
C LEU A 58 5.57 12.24 2.11
N VAL A 59 4.36 11.96 2.54
CA VAL A 59 3.74 12.80 3.56
C VAL A 59 4.57 12.66 4.84
N PRO A 60 4.71 13.73 5.64
CA PRO A 60 5.58 13.62 6.83
C PRO A 60 5.18 12.49 7.79
N ASP A 61 6.17 12.03 8.53
CA ASP A 61 6.02 10.83 9.36
C ASP A 61 4.98 10.97 10.46
N GLU A 62 5.02 12.04 11.27
CA GLU A 62 4.21 12.00 12.49
C GLU A 62 2.73 11.99 12.20
N VAL A 63 2.29 12.79 11.23
CA VAL A 63 0.88 12.78 10.89
C VAL A 63 0.47 11.39 10.37
N THR A 64 1.32 10.77 9.56
CA THR A 64 0.99 9.49 8.99
C THR A 64 0.93 8.40 10.07
N ILE A 65 1.91 8.40 10.98
CA ILE A 65 1.91 7.49 12.10
C ILE A 65 0.65 7.63 12.95
N GLY A 66 0.24 8.87 13.23
CA GLY A 66 -0.97 9.08 14.03
C GLY A 66 -2.21 8.52 13.38
N LEU A 67 -2.32 8.65 12.06
CA LEU A 67 -3.47 8.08 11.34
C LEU A 67 -3.50 6.57 11.48
N VAL A 68 -2.33 5.93 11.37
CA VAL A 68 -2.26 4.50 11.47
C VAL A 68 -2.53 4.04 12.90
N LYS A 69 -2.00 4.73 13.89
CA LYS A 69 -2.29 4.38 15.29
C LYS A 69 -3.79 4.39 15.55
N GLU A 70 -4.46 5.45 15.10
CA GLU A 70 -5.90 5.55 15.30
C GLU A 70 -6.63 4.42 14.59
N ARG A 71 -6.24 4.14 13.35
CA ARG A 71 -6.87 3.08 12.60
C ARG A 71 -6.69 1.68 13.22
N LEU A 72 -5.47 1.38 13.66
CA LEU A 72 -5.18 0.08 14.24
C LEU A 72 -5.82 -0.12 15.61
N SER A 73 -6.22 0.98 16.24
CA SER A 73 -6.88 0.94 17.55
CA SER A 73 -6.88 0.93 17.54
C SER A 73 -8.35 0.61 17.44
N GLN A 74 -8.90 0.54 16.24
CA GLN A 74 -10.31 0.22 16.07
C GLN A 74 -10.58 -1.26 16.36
N PRO A 75 -11.80 -1.59 16.77
CA PRO A 75 -12.08 -3.00 17.07
C PRO A 75 -11.94 -3.98 15.91
N ASP A 76 -12.12 -3.52 14.69
CA ASP A 76 -12.02 -4.41 13.54
C ASP A 76 -10.61 -4.90 13.25
N CYS A 77 -9.59 -4.37 13.93
CA CYS A 77 -8.22 -4.82 13.80
C CYS A 77 -7.77 -5.79 14.87
N LYS A 78 -8.64 -6.18 15.80
CA LYS A 78 -8.25 -7.11 16.86
C LYS A 78 -7.95 -8.50 16.37
N LYS A 79 -8.55 -8.88 15.25
CA LYS A 79 -8.44 -10.25 14.72
C LYS A 79 -7.65 -10.34 13.42
N GLY A 80 -6.84 -9.31 13.15
CA GLY A 80 -6.01 -9.30 11.97
C GLY A 80 -6.14 -8.02 11.21
N PHE A 81 -5.18 -7.78 10.32
CA PHE A 81 -5.19 -6.60 9.46
C PHE A 81 -4.08 -6.77 8.45
N LEU A 82 -4.17 -5.96 7.40
CA LEU A 82 -3.16 -5.92 6.35
C LEU A 82 -2.76 -4.47 6.12
N LEU A 83 -1.49 -4.16 6.37
CA LEU A 83 -0.92 -2.84 6.12
C LEU A 83 -0.32 -2.82 4.72
N ASP A 84 -0.74 -1.83 3.95
CA ASP A 84 -0.43 -1.73 2.53
C ASP A 84 -0.02 -0.31 2.20
N GLY A 85 1.28 -0.04 2.17
CA GLY A 85 1.80 1.30 1.93
C GLY A 85 2.32 2.02 3.15
N PHE A 86 2.23 1.36 4.30
CA PHE A 86 2.83 1.82 5.56
C PHE A 86 3.50 0.58 6.15
N PRO A 87 4.69 0.68 6.73
CA PRO A 87 5.51 1.87 6.84
C PRO A 87 6.26 2.20 5.55
N ARG A 88 6.74 3.44 5.44
CA ARG A 88 7.52 3.92 4.29
C ARG A 88 8.90 4.45 4.65
N THR A 89 9.18 4.59 5.95
CA THR A 89 10.47 5.03 6.46
C THR A 89 10.81 4.20 7.67
N VAL A 90 12.08 4.17 8.05
CA VAL A 90 12.49 3.47 9.26
CA VAL A 90 12.45 3.43 9.25
C VAL A 90 11.79 4.05 10.49
N ALA A 91 11.66 5.38 10.52
CA ALA A 91 10.96 6.01 11.65
C ALA A 91 9.52 5.49 11.75
N GLN A 92 8.84 5.32 10.60
CA GLN A 92 7.50 4.75 10.64
C GLN A 92 7.50 3.31 11.11
N ALA A 93 8.49 2.51 10.69
CA ALA A 93 8.56 1.12 11.11
C ALA A 93 8.80 0.98 12.61
N GLU A 94 9.67 1.82 13.15
CA GLU A 94 9.92 1.80 14.59
C GLU A 94 8.67 2.24 15.35
N ALA A 95 8.05 3.30 14.87
CA ALA A 95 6.80 3.77 15.50
C ALA A 95 5.72 2.72 15.43
N LEU A 96 5.63 1.97 14.34
CA LEU A 96 4.66 0.89 14.24
C LEU A 96 4.93 -0.19 15.28
N ASP A 97 6.20 -0.54 15.48
CA ASP A 97 6.52 -1.51 16.51
C ASP A 97 6.00 -1.02 17.89
N LYS A 98 6.15 0.27 18.17
CA LYS A 98 5.69 0.81 19.43
CA LYS A 98 5.66 0.83 19.44
C LYS A 98 4.14 0.79 19.50
N ILE A 99 3.47 1.12 18.41
CA ILE A 99 2.02 1.04 18.36
C ILE A 99 1.52 -0.37 18.64
N LEU A 100 2.12 -1.34 17.97
CA LEU A 100 1.70 -2.72 18.15
C LEU A 100 1.97 -3.19 19.57
N LYS A 101 3.11 -2.83 20.14
CA LYS A 101 3.35 -3.16 21.53
C LYS A 101 2.27 -2.58 22.44
N GLU A 102 1.92 -1.32 22.22
CA GLU A 102 0.91 -0.69 23.08
C GLU A 102 -0.44 -1.39 22.95
N LEU A 103 -0.74 -1.91 21.76
CA LEU A 103 -2.01 -2.61 21.51
C LEU A 103 -1.97 -4.10 21.87
N GLY A 104 -0.80 -4.60 22.22
CA GLY A 104 -0.64 -6.02 22.52
C GLY A 104 -0.77 -6.95 21.33
N ILE A 105 -0.30 -6.48 20.17
CA ILE A 105 -0.41 -7.18 18.88
C ILE A 105 0.98 -7.53 18.39
N LYS A 106 1.11 -8.72 17.81
CA LYS A 106 2.37 -9.16 17.19
C LYS A 106 2.17 -9.42 15.70
N LEU A 107 3.12 -8.96 14.88
CA LEU A 107 3.08 -9.25 13.44
C LEU A 107 3.25 -10.74 13.18
N ASP A 108 2.58 -11.23 12.14
CA ASP A 108 2.70 -12.62 11.70
C ASP A 108 3.62 -12.77 10.49
N ALA A 109 3.60 -11.81 9.58
CA ALA A 109 4.32 -11.98 8.32
C ALA A 109 4.48 -10.66 7.64
N VAL A 110 5.55 -10.55 6.87
CA VAL A 110 5.82 -9.40 6.04
C VAL A 110 6.14 -9.97 4.65
N ILE A 111 5.34 -9.59 3.66
CA ILE A 111 5.48 -10.09 2.31
C ILE A 111 6.11 -9.00 1.47
N ASN A 112 7.27 -9.30 0.91
CA ASN A 112 8.02 -8.34 0.09
C ASN A 112 7.88 -8.72 -1.39
N ILE A 113 7.11 -7.92 -2.13
CA ILE A 113 6.85 -8.20 -3.53
C ILE A 113 7.92 -7.54 -4.39
N GLU A 114 8.73 -8.37 -5.05
CA GLU A 114 9.87 -7.93 -5.84
C GLU A 114 9.47 -7.81 -7.30
N VAL A 115 9.70 -6.65 -7.90
CA VAL A 115 9.38 -6.40 -9.30
C VAL A 115 10.49 -5.52 -9.87
N PRO A 116 11.05 -5.89 -11.04
CA PRO A 116 12.07 -5.03 -11.66
C PRO A 116 11.57 -3.62 -11.94
N ARG A 117 12.42 -2.63 -11.68
CA ARG A 117 12.02 -1.24 -11.80
C ARG A 117 11.47 -0.96 -13.21
N GLU A 118 12.04 -1.59 -14.23
CA GLU A 118 11.62 -1.32 -15.60
C GLU A 118 10.15 -1.62 -15.87
N GLU A 119 9.52 -2.49 -15.09
CA GLU A 119 8.11 -2.83 -15.29
C GLU A 119 7.16 -1.79 -14.68
N LEU A 120 7.66 -0.95 -13.78
CA LEU A 120 6.77 -0.19 -12.92
C LEU A 120 6.08 0.99 -13.60
N LEU A 121 6.78 1.70 -14.49
CA LEU A 121 6.18 2.89 -15.10
C LEU A 121 4.87 2.58 -15.82
N GLU A 122 4.86 1.53 -16.64
CA GLU A 122 3.66 1.23 -17.40
C GLU A 122 2.54 0.72 -16.50
N ARG A 123 2.90 -0.03 -15.46
CA ARG A 123 1.89 -0.42 -14.48
C ARG A 123 1.24 0.81 -13.85
N LEU A 124 2.04 1.82 -13.53
CA LEU A 124 1.52 2.96 -12.79
C LEU A 124 0.76 3.94 -13.67
N THR A 125 1.29 4.26 -14.87
CA THR A 125 0.57 5.23 -15.67
C THR A 125 -0.75 4.66 -16.24
N GLY A 126 -0.83 3.32 -16.36
CA GLY A 126 -2.05 2.64 -16.82
C GLY A 126 -3.00 2.24 -15.69
N ARG A 127 -2.64 2.58 -14.45
CA ARG A 127 -3.49 2.24 -13.31
C ARG A 127 -4.76 3.09 -13.33
N ARG A 128 -5.88 2.48 -12.99
CA ARG A 128 -7.16 3.19 -12.86
C ARG A 128 -7.81 2.71 -11.58
N VAL A 129 -8.37 3.65 -10.83
CA VAL A 129 -8.87 3.38 -9.49
C VAL A 129 -10.31 3.81 -9.37
N CYS A 130 -11.07 3.11 -8.55
CA CYS A 130 -12.47 3.48 -8.34
C CYS A 130 -12.60 4.67 -7.45
N ARG A 131 -13.40 5.65 -7.88
CA ARG A 131 -13.72 6.85 -7.08
C ARG A 131 -14.41 6.56 -5.76
N GLN A 132 -15.24 5.51 -5.70
CA GLN A 132 -16.13 5.25 -4.54
CA GLN A 132 -16.12 5.25 -4.55
C GLN A 132 -15.57 4.24 -3.54
N CYS A 133 -14.90 3.19 -4.04
CA CYS A 133 -14.41 2.11 -3.15
C CYS A 133 -12.92 1.89 -3.17
N GLY A 134 -12.19 2.54 -4.07
CA GLY A 134 -10.74 2.40 -4.12
C GLY A 134 -10.20 1.17 -4.84
N ALA A 135 -11.04 0.31 -5.41
CA ALA A 135 -10.55 -0.85 -6.15
C ALA A 135 -9.60 -0.41 -7.25
N THR A 136 -8.58 -1.22 -7.51
CA THR A 136 -7.51 -0.91 -8.47
C THR A 136 -7.62 -1.83 -9.71
N TYR A 137 -7.47 -1.21 -10.87
CA TYR A 137 -7.52 -1.88 -12.18
C TYR A 137 -6.34 -1.35 -13.00
N HIS A 138 -6.19 -1.93 -14.20
CA HIS A 138 -5.20 -1.45 -15.17
C HIS A 138 -5.83 -1.52 -16.55
N VAL A 139 -5.57 -0.50 -17.35
CA VAL A 139 -6.15 -0.38 -18.69
C VAL A 139 -5.95 -1.60 -19.57
N ILE A 140 -4.88 -2.34 -19.36
CA ILE A 140 -4.68 -3.59 -20.12
C ILE A 140 -4.31 -4.79 -19.26
N PHE A 141 -3.65 -4.61 -18.12
CA PHE A 141 -3.18 -5.75 -17.34
C PHE A 141 -4.30 -6.32 -16.47
N ASN A 142 -5.31 -5.53 -16.14
CA ASN A 142 -6.37 -6.00 -15.22
C ASN A 142 -7.58 -5.11 -15.37
N PRO A 143 -8.26 -5.20 -16.51
CA PRO A 143 -9.34 -4.25 -16.76
C PRO A 143 -10.60 -4.62 -16.00
N PRO A 144 -11.46 -3.62 -15.78
CA PRO A 144 -12.79 -3.92 -15.26
C PRO A 144 -13.58 -4.71 -16.30
N LYS A 145 -14.65 -5.35 -15.87
CA LYS A 145 -15.53 -6.07 -16.77
C LYS A 145 -16.19 -5.12 -17.76
N VAL A 146 -16.53 -3.90 -17.32
CA VAL A 146 -17.11 -2.87 -18.18
C VAL A 146 -16.19 -1.66 -18.13
N GLU A 147 -15.74 -1.18 -19.28
CA GLU A 147 -14.80 -0.05 -19.37
C GLU A 147 -15.21 1.15 -18.50
N GLY A 148 -14.28 1.61 -17.66
CA GLY A 148 -14.48 2.81 -16.86
C GLY A 148 -15.37 2.68 -15.63
N VAL A 149 -15.82 1.45 -15.33
CA VAL A 149 -16.77 1.22 -14.23
C VAL A 149 -16.24 0.14 -13.32
N CYS A 150 -16.29 0.42 -12.02
CA CYS A 150 -15.84 -0.52 -11.02
C CYS A 150 -16.74 -1.76 -10.97
N ASP A 151 -16.12 -2.95 -10.96
CA ASP A 151 -16.84 -4.22 -10.85
C ASP A 151 -17.61 -4.34 -9.54
N LYS A 152 -17.09 -3.75 -8.46
CA LYS A 152 -17.64 -3.97 -7.13
C LYS A 152 -18.79 -3.06 -6.79
N CYS A 153 -18.70 -1.80 -7.19
CA CYS A 153 -19.67 -0.78 -6.75
C CYS A 153 -20.28 0.05 -7.86
N GLY A 154 -19.82 -0.14 -9.10
CA GLY A 154 -20.32 0.65 -10.23
C GLY A 154 -19.73 2.04 -10.35
N GLY A 155 -18.81 2.39 -9.45
CA GLY A 155 -18.24 3.73 -9.45
C GLY A 155 -17.37 3.99 -10.68
N GLU A 156 -17.16 5.27 -10.96
CA GLU A 156 -16.29 5.68 -12.05
C GLU A 156 -14.83 5.42 -11.73
N LEU A 157 -14.07 4.92 -12.70
CA LEU A 157 -12.65 4.77 -12.56
C LEU A 157 -11.93 6.03 -13.04
N TYR A 158 -10.79 6.32 -12.42
CA TYR A 158 -10.00 7.49 -12.80
C TYR A 158 -8.53 7.21 -12.66
N GLN A 159 -7.74 8.06 -13.26
CA GLN A 159 -6.29 8.03 -13.13
C GLN A 159 -5.88 8.94 -11.98
N ARG A 160 -5.18 8.37 -11.01
CA ARG A 160 -4.69 9.14 -9.89
C ARG A 160 -3.82 10.30 -10.33
N SER A 161 -3.90 11.39 -9.56
CA SER A 161 -3.16 12.61 -9.85
C SER A 161 -1.64 12.44 -9.76
N ASP A 162 -1.16 11.40 -9.06
CA ASP A 162 0.27 11.12 -8.96
C ASP A 162 0.77 10.11 -9.98
N ASP A 163 -0.12 9.48 -10.74
CA ASP A 163 0.28 8.42 -11.69
C ASP A 163 0.59 8.98 -13.08
N ASN A 164 1.55 9.88 -13.11
CA ASN A 164 2.12 10.43 -14.34
C ASN A 164 3.63 10.22 -14.31
N GLU A 165 4.27 10.23 -15.48
CA GLU A 165 5.67 9.77 -15.56
C GLU A 165 6.65 10.54 -14.65
N GLU A 166 6.56 11.87 -14.64
CA GLU A 166 7.49 12.65 -13.83
C GLU A 166 7.35 12.30 -12.35
N THR A 167 6.10 12.20 -11.90
CA THR A 167 5.87 11.97 -10.50
C THR A 167 6.25 10.54 -10.13
N VAL A 168 5.97 9.60 -11.02
CA VAL A 168 6.40 8.21 -10.83
C VAL A 168 7.91 8.12 -10.60
N SER A 169 8.70 8.81 -11.43
CA SER A 169 10.15 8.75 -11.28
CA SER A 169 10.15 8.72 -11.25
C SER A 169 10.56 9.17 -9.86
N ASN A 170 9.94 10.25 -9.39
CA ASN A 170 10.29 10.71 -8.07
CA ASN A 170 10.20 10.77 -8.04
C ASN A 170 9.82 9.74 -6.98
N ARG A 171 8.64 9.15 -7.15
CA ARG A 171 8.16 8.17 -6.19
C ARG A 171 9.07 6.95 -6.11
N LEU A 172 9.58 6.50 -7.25
CA LEU A 172 10.48 5.36 -7.27
C LEU A 172 11.81 5.71 -6.62
N ASP A 173 12.30 6.93 -6.85
CA ASP A 173 13.54 7.38 -6.21
C ASP A 173 13.36 7.44 -4.70
N VAL A 174 12.22 7.98 -4.26
CA VAL A 174 11.91 8.06 -2.82
C VAL A 174 11.85 6.65 -2.23
N TYR A 175 11.20 5.73 -2.95
CA TYR A 175 11.15 4.35 -2.47
C TYR A 175 12.56 3.79 -2.26
N GLU A 176 13.43 3.97 -3.25
CA GLU A 176 14.77 3.39 -3.14
C GLU A 176 15.56 4.02 -2.00
N ASP A 177 15.36 5.31 -1.79
CA ASP A 177 16.11 6.06 -0.78
CA ASP A 177 16.13 6.04 -0.77
C ASP A 177 15.61 5.83 0.65
N GLN A 178 14.29 5.78 0.82
CA GLN A 178 13.67 5.80 2.16
CA GLN A 178 13.71 5.80 2.17
C GLN A 178 13.07 4.47 2.58
N THR A 179 12.53 3.74 1.61
CA THR A 179 11.62 2.64 1.88
C THR A 179 12.26 1.25 1.68
N ALA A 180 13.06 1.10 0.62
CA ALA A 180 13.76 -0.18 0.41
C ALA A 180 14.55 -0.68 1.63
N PRO A 181 15.17 0.21 2.44
CA PRO A 181 15.89 -0.27 3.63
C PRO A 181 15.00 -1.01 4.65
N LEU A 182 13.69 -0.90 4.53
CA LEU A 182 12.82 -1.62 5.45
C LEU A 182 12.88 -3.13 5.28
N ILE A 183 13.35 -3.60 4.13
CA ILE A 183 13.50 -5.02 3.96
C ILE A 183 14.40 -5.59 5.07
N ASP A 184 15.53 -4.93 5.32
CA ASP A 184 16.43 -5.37 6.39
C ASP A 184 15.74 -5.31 7.78
N TYR A 185 14.96 -4.26 8.01
CA TYR A 185 14.27 -4.09 9.30
C TYR A 185 13.40 -5.31 9.61
N TYR A 186 12.65 -5.76 8.61
CA TYR A 186 11.76 -6.90 8.82
C TYR A 186 12.44 -8.27 8.70
N GLU A 187 13.52 -8.35 7.91
CA GLU A 187 14.34 -9.57 7.89
CA GLU A 187 14.34 -9.58 7.90
C GLU A 187 14.85 -9.89 9.30
N LYS A 188 15.23 -8.86 10.03
CA LYS A 188 15.73 -9.08 11.41
C LYS A 188 14.70 -9.75 12.32
N LYS A 189 13.41 -9.54 12.03
CA LYS A 189 12.32 -10.15 12.83
C LYS A 189 12.04 -11.62 12.47
N GLY A 190 12.61 -12.09 11.37
CA GLY A 190 12.39 -13.43 10.90
C GLY A 190 11.05 -13.61 10.26
N LEU A 191 10.42 -12.50 9.84
CA LEU A 191 9.05 -12.48 9.32
C LEU A 191 8.94 -12.29 7.83
N LEU A 192 10.05 -11.99 7.20
CA LEU A 192 10.00 -11.55 5.82
C LEU A 192 10.04 -12.69 4.84
N LYS A 193 9.15 -12.64 3.86
CA LYS A 193 9.14 -13.59 2.76
C LYS A 193 9.11 -12.81 1.47
N ASN A 194 10.00 -13.18 0.58
CA ASN A 194 10.11 -12.54 -0.71
C ASN A 194 9.27 -13.25 -1.75
N ILE A 195 8.59 -12.46 -2.55
CA ILE A 195 7.67 -12.97 -3.57
C ILE A 195 8.05 -12.34 -4.90
N ASP A 196 8.07 -13.18 -5.94
CA ASP A 196 8.29 -12.73 -7.30
C ASP A 196 7.01 -12.09 -7.85
N GLY A 197 7.00 -10.76 -7.91
CA GLY A 197 5.87 -10.04 -8.43
C GLY A 197 5.86 -9.90 -9.95
N ASP A 198 6.87 -10.44 -10.63
CA ASP A 198 7.00 -10.44 -12.10
C ASP A 198 6.32 -11.69 -12.65
N GLN A 199 5.03 -11.81 -12.37
CA GLN A 199 4.19 -12.93 -12.81
C GLN A 199 2.80 -12.37 -12.98
N ASP A 200 1.89 -13.15 -13.56
CA ASP A 200 0.53 -12.65 -13.60
C ASP A 200 -0.08 -12.61 -12.19
N ILE A 201 -1.16 -11.87 -12.07
CA ILE A 201 -1.76 -11.55 -10.76
C ILE A 201 -2.10 -12.82 -10.00
N ASP A 202 -2.70 -13.80 -10.68
CA ASP A 202 -3.12 -14.98 -9.96
C ASP A 202 -1.93 -15.85 -9.52
N ALA A 203 -0.83 -15.81 -10.26
CA ALA A 203 0.38 -16.55 -9.91
C ALA A 203 1.07 -15.89 -8.71
N VAL A 204 1.08 -14.56 -8.68
CA VAL A 204 1.62 -13.86 -7.52
C VAL A 204 0.79 -14.22 -6.26
N PHE A 205 -0.53 -14.17 -6.39
CA PHE A 205 -1.39 -14.50 -5.25
C PHE A 205 -1.14 -15.92 -4.77
N ALA A 206 -1.03 -16.85 -5.73
CA ALA A 206 -0.73 -18.24 -5.37
C ALA A 206 0.54 -18.34 -4.54
N ASP A 207 1.57 -17.61 -4.94
CA ASP A 207 2.83 -17.66 -4.21
C ASP A 207 2.71 -17.04 -2.80
N ILE A 208 1.92 -15.98 -2.70
CA ILE A 208 1.68 -15.36 -1.39
C ILE A 208 0.95 -16.32 -0.48
N LYS A 209 -0.11 -16.95 -1.01
CA LYS A 209 -0.86 -17.92 -0.22
C LYS A 209 0.04 -19.05 0.26
N ALA A 210 0.90 -19.56 -0.63
CA ALA A 210 1.83 -20.63 -0.24
C ALA A 210 2.80 -20.19 0.84
N ALA A 211 3.29 -18.95 0.74
CA ALA A 211 4.21 -18.42 1.74
C ALA A 211 3.56 -18.24 3.09
N LEU A 212 2.33 -17.74 3.10
CA LEU A 212 1.60 -17.54 4.35
C LEU A 212 1.15 -18.86 4.98
N GLY A 213 0.87 -19.88 4.16
CA GLY A 213 0.46 -21.20 4.68
C GLY A 213 1.65 -21.96 5.25
#